data_3C3Q
#
_entry.id   3C3Q
#
_cell.length_a   120.515
_cell.length_b   62.586
_cell.length_c   76.053
_cell.angle_alpha   90.00
_cell.angle_beta   121.51
_cell.angle_gamma   90.00
#
_symmetry.space_group_name_H-M   'C 1 2 1'
#
loop_
_entity.id
_entity.type
_entity.pdbx_description
1 polymer 'Programmed cell death 6-interacting protein'
2 polymer 'Charged multivesicular body protein 4b peptide'
3 non-polymer GLYCEROL
4 water water
#
loop_
_entity_poly.entity_id
_entity_poly.type
_entity_poly.pdbx_seq_one_letter_code
_entity_poly.pdbx_strand_id
1 'polypeptide(L)'
;MHHHHHHHHHHSGQNLYFQGHMATFISVQLKKTSEVDLAKPLVKFIQQTYPSGGEEQAQYCRAAEELSKLRRAAVGRPLD
KHEGALETLLRYYDQICSIEPKFPFSENQICLTFTWKDAFDKGSLFGGSVKLALASLGYEKSCVLFNCAALASQIAAEQN
LDNDEGLKIAAKHYQFASGAFLHIKETVLSALSREPTVDISPDTVGTLSLIMLAQAQEVFFLKATRDKMKDAIIAKLANQ
AADYFGDAFKQCQYKDTLPKEVFPVLAAKHCIMQANAEYHQSILAKQQKKFGEEIARLQHAAELIKTVASRYDEYVNVKD
FSDKINRALAAAKKDNDFIYHDRVPDLKDLDPIGKATLVKSTPVNVPISQKFTDLFEKMV
;
A
2 'polypeptide(L)' KEEEDDDMKELENWAGSM B
#
# COMPACT_ATOMS: atom_id res chain seq x y z
N ALA A 23 -1.05 16.02 5.61
CA ALA A 23 -1.12 14.63 5.03
C ALA A 23 -0.26 13.62 5.84
N THR A 24 -0.89 12.57 6.40
CA THR A 24 -0.14 11.56 7.18
C THR A 24 -0.23 10.10 6.72
N PHE A 25 0.73 9.68 5.89
CA PHE A 25 0.69 8.40 5.22
C PHE A 25 1.55 7.34 5.88
N ILE A 26 1.01 6.13 5.97
CA ILE A 26 1.73 4.98 6.49
C ILE A 26 2.60 4.29 5.39
N SER A 27 3.83 3.98 5.77
CA SER A 27 4.74 3.21 4.97
C SER A 27 5.42 2.15 5.83
N VAL A 28 6.00 1.15 5.15
CA VAL A 28 6.55 -0.04 5.82
C VAL A 28 8.07 0.00 5.70
N GLN A 29 8.76 -0.39 6.77
CA GLN A 29 10.23 -0.49 6.79
C GLN A 29 10.63 -1.77 6.11
N LEU A 30 11.78 -1.73 5.45
CA LEU A 30 12.29 -2.88 4.73
C LEU A 30 12.80 -3.93 5.74
N LYS A 31 12.61 -5.19 5.37
CA LYS A 31 13.27 -6.31 6.05
C LYS A 31 14.82 -6.34 5.83
N LYS A 32 15.55 -6.58 6.89
CA LYS A 32 17.00 -6.84 6.81
C LYS A 32 17.29 -8.27 6.36
N THR A 33 18.38 -8.44 5.62
CA THR A 33 18.89 -9.79 5.34
C THR A 33 20.39 -9.77 5.61
N SER A 34 21.03 -10.93 5.49
CA SER A 34 22.49 -10.97 5.59
C SER A 34 23.06 -11.43 4.25
N GLU A 35 24.27 -10.96 3.94
CA GLU A 35 25.01 -11.36 2.72
C GLU A 35 25.11 -12.86 2.58
N VAL A 36 24.75 -13.39 1.42
CA VAL A 36 25.05 -14.79 1.12
C VAL A 36 25.74 -14.92 -0.24
N ASP A 37 26.74 -15.81 -0.31
CA ASP A 37 27.39 -16.16 -1.56
C ASP A 37 26.48 -17.04 -2.41
N LEU A 38 25.74 -16.39 -3.30
CA LEU A 38 24.75 -17.04 -4.16
C LEU A 38 25.41 -17.86 -5.27
N ALA A 39 26.62 -17.42 -5.66
CA ALA A 39 27.43 -18.09 -6.68
C ALA A 39 27.87 -19.49 -6.21
N LYS A 40 28.89 -19.55 -5.36
CA LYS A 40 29.47 -20.82 -4.89
C LYS A 40 28.46 -22.00 -4.99
N PRO A 41 27.45 -22.05 -4.11
CA PRO A 41 26.39 -23.07 -4.17
C PRO A 41 25.62 -23.30 -5.50
N LEU A 42 25.90 -22.52 -6.54
CA LEU A 42 25.20 -22.70 -7.83
C LEU A 42 26.17 -23.06 -8.99
N VAL A 43 27.43 -22.65 -8.84
CA VAL A 43 28.53 -23.04 -9.73
C VAL A 43 28.57 -24.57 -9.84
N LYS A 44 28.52 -25.22 -8.69
CA LYS A 44 28.56 -26.68 -8.59
C LYS A 44 27.38 -27.35 -9.29
N PHE A 45 26.16 -27.07 -8.85
CA PHE A 45 24.95 -27.73 -9.37
C PHE A 45 24.57 -27.26 -10.79
N ILE A 46 25.58 -27.12 -11.67
CA ILE A 46 25.37 -26.71 -13.09
C ILE A 46 25.80 -27.75 -14.13
N GLN A 47 26.73 -28.64 -13.74
CA GLN A 47 27.13 -29.74 -14.62
C GLN A 47 26.46 -31.05 -14.15
N GLN A 48 25.71 -31.68 -15.06
CA GLN A 48 25.03 -32.98 -14.83
C GLN A 48 25.05 -33.89 -16.10
N THR A 49 23.98 -33.83 -16.91
CA THR A 49 24.00 -34.35 -18.30
C THR A 49 24.12 -33.16 -19.29
N TYR A 50 24.40 -31.99 -18.71
CA TYR A 50 24.95 -30.81 -19.39
C TYR A 50 26.48 -30.92 -19.22
N PRO A 51 27.16 -31.68 -20.11
CA PRO A 51 28.53 -32.17 -19.87
C PRO A 51 29.62 -31.08 -19.89
N SER A 52 29.55 -30.16 -20.86
CA SER A 52 30.51 -29.07 -21.08
C SER A 52 31.35 -28.62 -19.86
N GLY A 53 32.28 -29.47 -19.44
CA GLY A 53 33.20 -29.15 -18.35
C GLY A 53 34.40 -28.38 -18.86
N GLY A 54 34.49 -28.24 -20.19
CA GLY A 54 35.57 -27.50 -20.84
C GLY A 54 35.46 -25.99 -20.65
N GLU A 55 34.78 -25.32 -21.59
CA GLU A 55 34.73 -23.86 -21.63
C GLU A 55 33.30 -23.27 -21.72
N GLU A 56 32.29 -24.14 -21.88
CA GLU A 56 30.91 -23.69 -22.08
C GLU A 56 30.13 -23.31 -20.80
N GLN A 57 30.26 -24.11 -19.75
CA GLN A 57 29.59 -23.88 -18.46
C GLN A 57 29.83 -22.48 -17.89
N ALA A 58 30.97 -21.87 -18.23
CA ALA A 58 31.38 -20.55 -17.69
C ALA A 58 30.54 -19.39 -18.23
N GLN A 59 29.59 -19.71 -19.10
CA GLN A 59 28.51 -18.80 -19.46
C GLN A 59 27.49 -18.75 -18.30
N TYR A 60 26.94 -19.91 -17.95
CA TYR A 60 26.12 -20.07 -16.73
C TYR A 60 27.06 -20.11 -15.54
N CYS A 61 27.65 -18.96 -15.23
CA CYS A 61 28.55 -18.82 -14.10
C CYS A 61 29.03 -17.38 -13.88
N ARG A 62 29.52 -16.73 -14.94
CA ARG A 62 29.76 -15.29 -14.83
C ARG A 62 28.39 -14.63 -14.64
N ALA A 63 27.37 -15.26 -15.25
CA ALA A 63 25.97 -14.80 -15.24
C ALA A 63 25.25 -15.25 -13.98
N ALA A 64 25.58 -16.44 -13.48
CA ALA A 64 25.08 -16.89 -12.18
C ALA A 64 25.88 -16.28 -11.01
N GLU A 65 26.49 -15.14 -11.25
CA GLU A 65 26.98 -14.29 -10.16
C GLU A 65 27.02 -12.81 -10.55
N GLU A 66 26.39 -12.53 -11.69
CA GLU A 66 25.79 -11.22 -11.91
C GLU A 66 24.53 -11.22 -11.02
N LEU A 67 23.87 -12.39 -10.95
CA LEU A 67 22.75 -12.65 -10.05
C LEU A 67 23.11 -12.54 -8.56
N SER A 68 24.35 -12.91 -8.23
CA SER A 68 24.80 -12.82 -6.85
C SER A 68 25.09 -11.41 -6.47
N LYS A 69 25.63 -10.61 -7.40
CA LYS A 69 25.90 -9.20 -7.06
C LYS A 69 24.62 -8.38 -7.15
N LEU A 70 23.68 -8.88 -7.94
CA LEU A 70 22.32 -8.35 -8.00
C LEU A 70 21.61 -8.54 -6.66
N ARG A 71 21.60 -9.76 -6.10
CA ARG A 71 21.13 -9.90 -4.74
C ARG A 71 21.77 -8.87 -3.80
N ARG A 72 23.08 -8.66 -3.88
CA ARG A 72 23.72 -7.67 -3.01
C ARG A 72 23.29 -6.23 -3.32
N ALA A 73 22.93 -5.96 -4.57
CA ALA A 73 22.50 -4.60 -4.88
C ALA A 73 21.04 -4.35 -4.39
N ALA A 74 20.16 -5.31 -4.70
CA ALA A 74 18.74 -5.36 -4.32
C ALA A 74 18.52 -5.26 -2.81
N VAL A 75 19.16 -6.17 -2.06
CA VAL A 75 18.89 -6.31 -0.62
C VAL A 75 20.04 -5.90 0.30
N GLY A 76 21.01 -5.17 -0.23
CA GLY A 76 22.30 -5.00 0.43
C GLY A 76 22.68 -3.69 1.08
N ARG A 77 22.38 -2.57 0.43
CA ARG A 77 22.71 -1.24 1.00
C ARG A 77 21.50 -0.55 1.70
N PRO A 78 21.76 0.40 2.62
CA PRO A 78 20.71 1.37 3.05
C PRO A 78 20.21 2.12 1.81
N LEU A 79 18.91 2.43 1.78
CA LEU A 79 18.31 2.66 0.48
C LEU A 79 18.05 4.08 0.00
N ASP A 80 18.25 4.17 -1.31
CA ASP A 80 17.61 5.09 -2.21
C ASP A 80 16.08 4.85 -2.16
N LYS A 81 15.29 5.90 -1.88
CA LYS A 81 13.82 5.80 -2.03
C LYS A 81 13.40 6.36 -3.38
N HIS A 82 13.98 5.83 -4.44
CA HIS A 82 13.69 6.30 -5.80
C HIS A 82 13.50 5.10 -6.74
N GLU A 83 13.12 5.35 -8.00
CA GLU A 83 12.83 4.25 -8.95
C GLU A 83 14.07 3.36 -9.26
N GLY A 84 15.27 3.97 -9.13
CA GLY A 84 16.58 3.29 -9.12
C GLY A 84 16.59 2.03 -8.26
N ALA A 85 16.70 2.18 -6.94
CA ALA A 85 16.59 1.06 -6.00
C ALA A 85 15.35 0.15 -6.13
N LEU A 86 14.18 0.70 -6.47
CA LEU A 86 12.97 -0.14 -6.59
C LEU A 86 13.07 -1.09 -7.79
N GLU A 87 13.50 -0.59 -8.94
CA GLU A 87 13.67 -1.47 -10.12
C GLU A 87 14.67 -2.62 -9.93
N THR A 88 15.70 -2.41 -9.12
CA THR A 88 16.67 -3.42 -8.73
C THR A 88 16.05 -4.58 -7.92
N LEU A 89 15.31 -4.21 -6.87
CA LEU A 89 14.46 -5.14 -6.16
C LEU A 89 13.49 -5.82 -7.05
N LEU A 90 12.79 -5.12 -7.92
CA LEU A 90 11.82 -5.81 -8.79
C LEU A 90 12.54 -6.80 -9.76
N ARG A 91 13.63 -6.35 -10.37
CA ARG A 91 14.54 -7.19 -11.19
C ARG A 91 14.97 -8.45 -10.45
N TYR A 92 15.51 -8.27 -9.26
CA TYR A 92 15.90 -9.40 -8.44
C TYR A 92 14.74 -10.38 -8.17
N TYR A 93 13.54 -9.88 -7.85
CA TYR A 93 12.36 -10.73 -7.73
C TYR A 93 12.04 -11.47 -9.03
N ASP A 94 11.96 -10.73 -10.13
CA ASP A 94 11.74 -11.44 -11.38
C ASP A 94 12.73 -12.62 -11.52
N GLN A 95 13.98 -12.37 -11.19
CA GLN A 95 15.05 -13.33 -11.50
C GLN A 95 14.89 -14.65 -10.75
N ILE A 96 14.76 -14.56 -9.42
CA ILE A 96 14.53 -15.72 -8.56
C ILE A 96 13.30 -16.53 -8.95
N CYS A 97 12.24 -15.85 -9.38
CA CYS A 97 11.05 -16.54 -9.84
C CYS A 97 11.32 -17.47 -11.06
N SER A 98 12.25 -17.02 -11.91
CA SER A 98 12.64 -17.69 -13.17
C SER A 98 13.68 -18.80 -12.96
N ILE A 99 14.52 -18.63 -11.94
CA ILE A 99 15.57 -19.55 -11.54
C ILE A 99 15.01 -20.76 -10.77
N GLU A 100 13.69 -20.77 -10.54
CA GLU A 100 13.07 -21.71 -9.62
C GLU A 100 13.07 -23.15 -10.13
N PRO A 101 12.43 -23.42 -11.28
CA PRO A 101 12.27 -24.79 -11.73
C PRO A 101 13.50 -25.36 -12.49
N LYS A 102 14.49 -24.52 -12.76
CA LYS A 102 15.70 -24.91 -13.50
C LYS A 102 16.37 -26.10 -12.83
N PHE A 103 16.57 -25.97 -11.51
CA PHE A 103 17.12 -27.02 -10.68
C PHE A 103 15.91 -27.63 -9.94
N PRO A 104 15.30 -28.69 -10.52
CA PRO A 104 13.94 -29.15 -10.14
C PRO A 104 13.64 -29.16 -8.62
N PHE A 105 13.27 -27.97 -8.08
CA PHE A 105 13.20 -27.72 -6.63
C PHE A 105 11.98 -28.24 -5.87
N SER A 106 11.30 -29.22 -6.45
CA SER A 106 10.33 -30.05 -5.72
C SER A 106 11.08 -31.06 -4.86
N GLU A 107 12.30 -31.44 -5.31
CA GLU A 107 13.30 -32.14 -4.48
C GLU A 107 14.57 -31.26 -4.35
N ASN A 108 14.59 -30.41 -3.32
CA ASN A 108 15.64 -29.42 -3.12
C ASN A 108 16.95 -30.04 -2.64
N GLN A 109 17.97 -29.92 -3.50
CA GLN A 109 19.33 -30.42 -3.22
C GLN A 109 20.43 -29.45 -3.68
N ILE A 110 20.08 -28.16 -3.77
CA ILE A 110 21.07 -27.08 -3.73
C ILE A 110 21.11 -26.55 -2.30
N CYS A 111 22.32 -26.34 -1.79
CA CYS A 111 22.54 -25.90 -0.42
C CYS A 111 22.72 -24.39 -0.31
N LEU A 112 21.69 -23.68 0.15
CA LEU A 112 21.72 -22.22 0.33
C LEU A 112 20.75 -21.82 1.42
N THR A 113 21.19 -20.97 2.34
CA THR A 113 20.38 -20.57 3.49
C THR A 113 20.24 -19.04 3.60
N PHE A 114 19.02 -18.55 3.39
CA PHE A 114 18.75 -17.12 3.47
C PHE A 114 18.17 -16.77 4.83
N THR A 115 18.77 -15.75 5.44
CA THR A 115 18.43 -15.31 6.77
C THR A 115 17.90 -13.88 6.74
N TRP A 116 16.64 -13.75 7.16
CA TRP A 116 15.95 -12.46 7.18
C TRP A 116 15.46 -12.13 8.59
N LYS A 117 15.59 -10.86 8.94
CA LYS A 117 15.14 -10.31 10.21
C LYS A 117 13.65 -9.86 10.09
N ASP A 118 12.87 -9.97 11.17
CA ASP A 118 11.42 -9.55 11.17
C ASP A 118 11.31 -8.05 10.98
N ALA A 119 10.39 -7.57 10.13
CA ALA A 119 10.41 -6.12 9.77
C ALA A 119 10.03 -5.22 10.95
N PHE A 120 9.28 -5.83 11.88
CA PHE A 120 8.51 -5.15 12.93
C PHE A 120 8.96 -5.53 14.32
N ASP A 121 9.02 -6.82 14.60
CA ASP A 121 9.44 -7.30 15.91
C ASP A 121 10.85 -6.87 16.29
N LYS A 122 10.90 -6.27 17.46
CA LYS A 122 12.08 -5.69 18.02
C LYS A 122 12.99 -6.84 18.46
N GLY A 123 12.37 -7.88 19.02
CA GLY A 123 13.05 -8.82 19.90
C GLY A 123 13.35 -8.07 21.19
N SER A 124 13.39 -8.78 22.31
CA SER A 124 13.76 -8.09 23.56
C SER A 124 15.26 -7.79 23.54
N LEU A 125 15.64 -6.69 24.17
CA LEU A 125 17.04 -6.31 24.28
C LEU A 125 17.72 -7.19 25.38
N PHE A 126 17.01 -8.30 25.63
CA PHE A 126 17.49 -9.54 26.23
C PHE A 126 18.12 -10.37 25.08
N GLY A 127 19.12 -9.76 24.41
CA GLY A 127 19.89 -10.39 23.33
C GLY A 127 19.23 -10.64 21.96
N GLY A 128 19.26 -9.62 21.09
CA GLY A 128 18.98 -9.81 19.64
C GLY A 128 17.55 -9.76 19.09
N SER A 129 17.47 -9.66 17.76
CA SER A 129 16.21 -9.51 17.03
C SER A 129 15.49 -10.83 16.74
N VAL A 130 14.47 -10.77 15.87
CA VAL A 130 13.71 -11.95 15.50
C VAL A 130 14.05 -12.31 14.05
N LYS A 131 14.73 -13.45 13.89
CA LYS A 131 15.26 -13.91 12.58
C LYS A 131 14.67 -15.26 12.15
N LEU A 132 14.72 -15.52 10.86
CA LEU A 132 14.35 -16.82 10.34
C LEU A 132 15.27 -17.17 9.16
N ALA A 133 15.94 -18.33 9.29
CA ALA A 133 16.90 -18.86 8.32
C ALA A 133 16.29 -20.07 7.60
N LEU A 134 16.17 -20.02 6.28
CA LEU A 134 15.57 -21.13 5.53
C LEU A 134 16.22 -21.37 4.15
N ALA A 135 16.67 -22.60 3.94
CA ALA A 135 17.20 -23.05 2.66
C ALA A 135 16.10 -23.13 1.60
N SER A 136 15.48 -22.00 1.29
CA SER A 136 14.31 -21.97 0.40
C SER A 136 14.34 -20.79 -0.56
N LEU A 137 14.00 -21.05 -1.82
CA LEU A 137 13.77 -19.97 -2.77
C LEU A 137 12.42 -19.32 -2.49
N GLY A 138 11.43 -20.18 -2.17
CA GLY A 138 10.15 -19.75 -1.58
C GLY A 138 10.28 -18.65 -0.54
N TYR A 139 11.16 -18.83 0.43
CA TYR A 139 11.31 -17.88 1.54
C TYR A 139 11.93 -16.60 1.07
N GLU A 140 12.90 -16.77 0.15
CA GLU A 140 13.68 -15.66 -0.39
C GLU A 140 12.79 -14.77 -1.22
N LYS A 141 12.06 -15.34 -2.17
CA LYS A 141 11.24 -14.55 -3.06
C LYS A 141 10.07 -13.83 -2.30
N SER A 142 9.70 -14.40 -1.14
CA SER A 142 8.68 -13.84 -0.28
C SER A 142 9.16 -12.59 0.39
N CYS A 143 10.30 -12.66 1.05
CA CYS A 143 10.84 -11.52 1.72
C CYS A 143 11.27 -10.42 0.76
N VAL A 144 11.72 -10.80 -0.45
CA VAL A 144 12.10 -9.84 -1.44
C VAL A 144 10.88 -9.04 -1.86
N LEU A 145 9.75 -9.72 -2.06
CA LEU A 145 8.53 -9.09 -2.54
C LEU A 145 7.96 -8.18 -1.45
N PHE A 146 8.17 -8.57 -0.20
CA PHE A 146 7.93 -7.74 0.94
C PHE A 146 8.66 -6.45 0.82
N ASN A 147 10.00 -6.51 0.61
CA ASN A 147 10.78 -5.28 0.48
C ASN A 147 10.39 -4.49 -0.75
N CYS A 148 9.99 -5.12 -1.86
CA CYS A 148 9.48 -4.38 -3.03
C CYS A 148 8.23 -3.55 -2.67
N ALA A 149 7.32 -4.21 -1.95
CA ALA A 149 6.04 -3.64 -1.46
C ALA A 149 6.36 -2.54 -0.49
N ALA A 150 7.18 -2.83 0.50
CA ALA A 150 7.61 -1.85 1.47
C ALA A 150 8.31 -0.60 0.88
N LEU A 151 9.30 -0.79 0.00
CA LEU A 151 9.92 0.37 -0.59
C LEU A 151 8.95 1.16 -1.44
N ALA A 152 8.11 0.52 -2.27
CA ALA A 152 7.05 1.19 -3.01
C ALA A 152 6.08 2.02 -2.10
N SER A 153 5.84 1.56 -0.89
CA SER A 153 4.99 2.26 0.09
C SER A 153 5.75 3.53 0.56
N GLN A 154 7.06 3.36 0.75
CA GLN A 154 7.92 4.48 1.14
C GLN A 154 8.01 5.58 0.06
N ILE A 155 8.15 5.18 -1.19
CA ILE A 155 8.18 6.10 -2.30
C ILE A 155 6.83 6.80 -2.43
N ALA A 156 5.74 6.03 -2.36
CA ALA A 156 4.40 6.62 -2.43
C ALA A 156 4.20 7.70 -1.39
N ALA A 157 4.60 7.43 -0.14
CA ALA A 157 4.41 8.34 0.97
C ALA A 157 5.26 9.60 0.87
N GLU A 158 6.31 9.53 0.06
CA GLU A 158 7.19 10.69 -0.06
C GLU A 158 6.77 11.59 -1.17
N GLN A 159 5.77 11.21 -1.96
CA GLN A 159 5.34 12.05 -3.08
C GLN A 159 4.71 13.39 -2.64
N ASN A 160 4.90 14.38 -3.49
CA ASN A 160 4.32 15.71 -3.31
C ASN A 160 2.95 15.64 -3.91
N LEU A 161 1.95 15.71 -3.06
CA LEU A 161 0.60 15.45 -3.49
C LEU A 161 -0.06 16.74 -4.00
N ASP A 162 0.61 17.87 -3.75
CA ASP A 162 0.25 19.17 -4.33
C ASP A 162 0.52 19.22 -5.85
N ASN A 163 0.96 18.11 -6.46
CA ASN A 163 1.07 18.05 -7.94
C ASN A 163 0.62 16.75 -8.58
N ASP A 164 0.25 16.83 -9.85
CA ASP A 164 -0.47 15.74 -10.46
C ASP A 164 0.33 14.48 -10.67
N GLU A 165 1.63 14.64 -10.92
CA GLU A 165 2.47 13.48 -11.14
C GLU A 165 2.88 12.86 -9.81
N GLY A 166 3.11 13.69 -8.78
CA GLY A 166 3.22 13.21 -7.38
C GLY A 166 2.04 12.27 -7.03
N LEU A 167 0.83 12.77 -7.22
CA LEU A 167 -0.42 12.01 -7.08
C LEU A 167 -0.42 10.71 -7.87
N LYS A 168 -0.07 10.79 -9.16
CA LYS A 168 -0.08 9.63 -10.04
C LYS A 168 0.89 8.52 -9.57
N ILE A 169 2.05 8.94 -9.09
CA ILE A 169 3.11 8.02 -8.64
C ILE A 169 2.70 7.37 -7.33
N ALA A 170 2.13 8.16 -6.39
CA ALA A 170 1.66 7.61 -5.10
C ALA A 170 0.57 6.58 -5.28
N ALA A 171 -0.40 6.89 -6.13
CA ALA A 171 -1.50 5.99 -6.43
C ALA A 171 -1.05 4.69 -7.11
N LYS A 172 -0.15 4.82 -8.07
CA LYS A 172 0.46 3.65 -8.75
C LYS A 172 1.20 2.69 -7.76
N HIS A 173 2.08 3.25 -6.95
CA HIS A 173 2.87 2.49 -5.98
C HIS A 173 2.09 1.92 -4.76
N TYR A 174 1.05 2.65 -4.29
CA TYR A 174 0.16 2.14 -3.25
C TYR A 174 -0.58 0.93 -3.75
N GLN A 175 -1.05 0.99 -4.98
CA GLN A 175 -1.76 -0.18 -5.58
C GLN A 175 -0.85 -1.32 -5.89
N PHE A 176 0.38 -1.04 -6.33
CA PHE A 176 1.44 -2.08 -6.39
C PHE A 176 1.70 -2.72 -5.04
N ALA A 177 2.01 -1.94 -4.00
CA ALA A 177 2.27 -2.47 -2.67
C ALA A 177 1.10 -3.26 -2.08
N SER A 178 -0.10 -2.79 -2.32
CA SER A 178 -1.28 -3.55 -1.94
C SER A 178 -1.32 -4.94 -2.61
N GLY A 179 -1.15 -4.99 -3.93
CA GLY A 179 -1.20 -6.28 -4.65
C GLY A 179 -0.06 -7.22 -4.31
N ALA A 180 1.07 -6.65 -3.89
CA ALA A 180 2.27 -7.40 -3.56
C ALA A 180 2.21 -8.02 -2.15
N PHE A 181 1.83 -7.23 -1.13
CA PHE A 181 1.49 -7.78 0.19
C PHE A 181 0.39 -8.84 0.04
N LEU A 182 -0.58 -8.61 -0.81
CA LEU A 182 -1.66 -9.57 -0.99
C LEU A 182 -1.19 -10.85 -1.68
N HIS A 183 -0.18 -10.74 -2.53
CA HIS A 183 0.41 -11.89 -3.17
C HIS A 183 1.14 -12.73 -2.16
N ILE A 184 1.93 -12.12 -1.28
CA ILE A 184 2.51 -12.80 -0.15
C ILE A 184 1.45 -13.49 0.76
N LYS A 185 0.33 -12.82 1.07
CA LYS A 185 -0.76 -13.47 1.85
C LYS A 185 -1.18 -14.83 1.30
N GLU A 186 -1.51 -14.90 0.02
CA GLU A 186 -2.01 -16.12 -0.61
C GLU A 186 -0.90 -17.14 -0.90
N THR A 187 0.31 -16.88 -0.40
CA THR A 187 1.50 -17.53 -0.94
C THR A 187 2.48 -17.98 0.10
N VAL A 188 2.65 -17.19 1.16
CA VAL A 188 3.72 -17.47 2.12
C VAL A 188 3.76 -18.92 2.59
N LEU A 189 2.58 -19.45 2.90
CA LEU A 189 2.45 -20.71 3.62
C LEU A 189 2.86 -21.89 2.73
N SER A 190 2.30 -21.96 1.53
CA SER A 190 2.74 -22.91 0.49
C SER A 190 4.22 -22.77 0.10
N ALA A 191 4.61 -21.53 -0.22
CA ALA A 191 5.98 -21.18 -0.60
C ALA A 191 7.03 -21.57 0.44
N LEU A 192 6.69 -21.48 1.73
CA LEU A 192 7.64 -21.76 2.80
C LEU A 192 7.45 -23.17 3.33
N SER A 193 8.41 -23.68 4.07
CA SER A 193 8.18 -24.94 4.76
C SER A 193 7.72 -24.63 6.19
N ARG A 194 8.45 -23.74 6.87
CA ARG A 194 8.23 -23.48 8.29
C ARG A 194 7.11 -22.48 8.58
N GLU A 195 6.94 -22.20 9.87
CA GLU A 195 6.08 -21.14 10.36
C GLU A 195 6.77 -19.78 10.04
N PRO A 196 6.14 -18.93 9.20
CA PRO A 196 6.73 -17.62 8.81
C PRO A 196 7.06 -16.74 10.03
N THR A 197 7.85 -15.67 9.85
CA THR A 197 7.89 -14.68 10.91
C THR A 197 6.53 -13.95 10.87
N VAL A 198 6.22 -13.20 11.92
CA VAL A 198 4.89 -12.56 12.03
C VAL A 198 4.72 -11.49 10.94
N ASP A 199 5.76 -10.70 10.68
CA ASP A 199 5.75 -9.70 9.61
C ASP A 199 5.29 -10.21 8.25
N ILE A 200 5.76 -11.39 7.82
CA ILE A 200 5.29 -11.94 6.51
C ILE A 200 4.10 -12.92 6.58
N SER A 201 3.67 -13.27 7.79
CA SER A 201 2.52 -14.19 7.97
C SER A 201 1.25 -13.60 7.36
N PRO A 202 0.33 -14.44 6.84
CA PRO A 202 -0.85 -13.91 6.10
C PRO A 202 -1.67 -12.81 6.82
N ASP A 203 -1.72 -12.85 8.15
CA ASP A 203 -2.52 -11.87 8.89
C ASP A 203 -1.94 -10.48 8.77
N THR A 204 -0.63 -10.32 8.99
CA THR A 204 0.01 -9.01 9.00
C THR A 204 -0.06 -8.38 7.62
N VAL A 205 0.12 -9.25 6.64
CA VAL A 205 0.32 -8.85 5.30
C VAL A 205 -1.03 -8.62 4.56
N GLY A 206 -2.08 -9.37 4.94
CA GLY A 206 -3.44 -9.01 4.54
C GLY A 206 -3.78 -7.61 5.07
N THR A 207 -3.41 -7.28 6.30
CA THR A 207 -3.69 -5.96 6.81
C THR A 207 -2.90 -4.84 6.11
N LEU A 208 -1.59 -5.01 5.91
CA LEU A 208 -0.78 -4.05 5.11
C LEU A 208 -1.32 -3.85 3.73
N SER A 209 -1.78 -4.92 3.12
CA SER A 209 -2.39 -4.81 1.83
C SER A 209 -3.62 -3.87 1.81
N LEU A 210 -4.49 -4.01 2.81
CA LEU A 210 -5.66 -3.13 2.95
C LEU A 210 -5.27 -1.71 3.24
N ILE A 211 -4.27 -1.52 4.06
CA ILE A 211 -3.77 -0.18 4.35
C ILE A 211 -3.31 0.56 3.08
N MET A 212 -2.54 -0.13 2.24
CA MET A 212 -2.03 0.40 0.99
C MET A 212 -3.19 0.72 0.05
N LEU A 213 -4.16 -0.17 0.00
CA LEU A 213 -5.29 0.08 -0.86
C LEU A 213 -6.14 1.27 -0.40
N ALA A 214 -6.27 1.45 0.92
CA ALA A 214 -6.92 2.65 1.50
C ALA A 214 -6.26 3.96 1.15
N GLN A 215 -4.91 3.97 1.16
CA GLN A 215 -4.12 5.17 0.84
C GLN A 215 -4.11 5.47 -0.64
N ALA A 216 -4.16 4.44 -1.46
CA ALA A 216 -4.36 4.62 -2.88
C ALA A 216 -5.72 5.30 -3.16
N GLN A 217 -6.82 4.77 -2.58
CA GLN A 217 -8.16 5.44 -2.62
C GLN A 217 -8.12 6.89 -2.10
N GLU A 218 -7.40 7.15 -1.02
CA GLU A 218 -7.29 8.50 -0.51
C GLU A 218 -6.62 9.41 -1.56
N VAL A 219 -5.65 8.82 -2.28
CA VAL A 219 -4.91 9.56 -3.31
C VAL A 219 -5.87 9.95 -4.42
N PHE A 220 -6.75 9.05 -4.82
CA PHE A 220 -7.81 9.42 -5.77
C PHE A 220 -8.78 10.53 -5.32
N PHE A 221 -9.15 10.52 -4.03
CA PHE A 221 -9.97 11.57 -3.45
C PHE A 221 -9.16 12.87 -3.54
N LEU A 222 -7.86 12.81 -3.24
CA LEU A 222 -7.02 14.03 -3.24
C LEU A 222 -6.81 14.60 -4.66
N LYS A 223 -6.89 13.72 -5.64
CA LYS A 223 -6.82 14.09 -7.04
C LYS A 223 -8.12 14.77 -7.42
N ALA A 224 -9.28 14.21 -7.05
CA ALA A 224 -10.56 14.84 -7.36
C ALA A 224 -10.66 16.20 -6.72
N THR A 225 -10.10 16.33 -5.53
CA THR A 225 -10.04 17.58 -4.79
C THR A 225 -9.14 18.65 -5.45
N ARG A 226 -7.96 18.24 -5.93
CA ARG A 226 -7.07 19.19 -6.63
C ARG A 226 -7.75 19.67 -7.90
N ASP A 227 -8.33 18.72 -8.64
CA ASP A 227 -8.98 18.95 -9.92
C ASP A 227 -10.34 19.63 -9.80
N LYS A 228 -10.57 20.29 -8.65
CA LYS A 228 -11.91 20.63 -8.15
C LYS A 228 -13.04 19.96 -8.93
N MET A 229 -13.07 18.64 -8.92
CA MET A 229 -14.21 17.89 -9.46
C MET A 229 -15.52 18.07 -8.67
N LYS A 230 -16.58 17.45 -9.18
CA LYS A 230 -17.89 17.66 -8.60
C LYS A 230 -17.97 17.04 -7.20
N ASP A 231 -18.54 17.80 -6.28
CA ASP A 231 -18.76 17.40 -4.92
C ASP A 231 -19.44 16.07 -4.71
N ALA A 232 -20.42 15.75 -5.54
CA ALA A 232 -21.00 14.41 -5.46
C ALA A 232 -19.98 13.28 -5.63
N ILE A 233 -18.94 13.57 -6.42
CA ILE A 233 -17.98 12.54 -6.82
C ILE A 233 -16.97 12.41 -5.70
N ILE A 234 -16.53 13.54 -5.20
CA ILE A 234 -15.55 13.55 -4.18
C ILE A 234 -16.09 12.84 -2.91
N ALA A 235 -17.40 13.00 -2.66
CA ALA A 235 -18.05 12.39 -1.51
C ALA A 235 -18.10 10.86 -1.58
N LYS A 236 -18.46 10.28 -2.73
CA LYS A 236 -18.37 8.85 -2.97
C LYS A 236 -16.95 8.23 -2.89
N LEU A 237 -15.94 8.97 -3.35
CA LEU A 237 -14.50 8.60 -3.17
C LEU A 237 -14.03 8.61 -1.73
N ALA A 238 -14.37 9.68 -1.00
CA ALA A 238 -14.17 9.81 0.43
C ALA A 238 -14.86 8.70 1.23
N ASN A 239 -16.10 8.35 0.85
CA ASN A 239 -16.92 7.35 1.54
C ASN A 239 -16.35 5.93 1.42
N GLN A 240 -15.83 5.63 0.25
CA GLN A 240 -15.16 4.37 0.00
C GLN A 240 -13.80 4.26 0.76
N ALA A 241 -13.04 5.35 0.79
CA ALA A 241 -11.82 5.45 1.60
C ALA A 241 -12.06 5.19 3.09
N ALA A 242 -13.14 5.76 3.62
CA ALA A 242 -13.60 5.57 5.02
C ALA A 242 -13.87 4.10 5.28
N ASP A 243 -14.51 3.41 4.35
CA ASP A 243 -14.64 1.95 4.41
C ASP A 243 -13.32 1.17 4.45
N TYR A 244 -12.40 1.47 3.55
CA TYR A 244 -11.09 0.79 3.56
C TYR A 244 -10.35 1.01 4.87
N PHE A 245 -10.26 2.28 5.30
CA PHE A 245 -9.58 2.64 6.53
C PHE A 245 -10.26 2.03 7.74
N GLY A 246 -11.61 2.00 7.71
CA GLY A 246 -12.41 1.40 8.78
C GLY A 246 -12.07 -0.06 8.94
N ASP A 247 -12.08 -0.80 7.84
CA ASP A 247 -11.77 -2.22 7.85
C ASP A 247 -10.35 -2.54 8.31
N ALA A 248 -9.36 -1.78 7.82
CA ALA A 248 -7.97 -1.91 8.27
C ALA A 248 -7.80 -1.66 9.79
N PHE A 249 -8.39 -0.61 10.33
CA PHE A 249 -8.23 -0.42 11.78
C PHE A 249 -8.89 -1.52 12.55
N LYS A 250 -10.00 -2.08 12.05
CA LYS A 250 -10.66 -3.22 12.72
C LYS A 250 -9.74 -4.46 12.76
N GLN A 251 -8.98 -4.70 11.69
CA GLN A 251 -7.93 -5.73 11.69
C GLN A 251 -6.77 -5.51 12.64
N CYS A 252 -6.56 -4.28 13.12
CA CYS A 252 -5.52 -3.93 14.08
C CYS A 252 -5.97 -3.73 15.52
N GLN A 253 -7.29 -3.74 15.74
CA GLN A 253 -7.86 -3.42 17.05
C GLN A 253 -7.30 -4.24 18.19
N TYR A 254 -7.15 -5.54 17.95
CA TYR A 254 -6.76 -6.47 19.00
C TYR A 254 -5.33 -7.04 18.80
N LYS A 255 -4.49 -6.34 18.01
CA LYS A 255 -3.16 -6.82 17.56
C LYS A 255 -2.12 -5.77 17.83
N ASP A 256 -0.92 -6.20 18.20
CA ASP A 256 0.17 -5.27 18.36
C ASP A 256 1.45 -5.69 17.57
N THR A 257 1.19 -6.18 16.36
CA THR A 257 2.20 -6.53 15.39
C THR A 257 2.82 -5.29 14.74
N LEU A 258 1.97 -4.38 14.24
CA LEU A 258 2.42 -3.19 13.50
C LEU A 258 2.85 -2.08 14.46
N PRO A 259 3.70 -1.16 13.98
CA PRO A 259 4.19 -0.08 14.80
C PRO A 259 3.06 0.75 15.42
N LYS A 260 3.34 1.39 16.56
CA LYS A 260 2.27 1.91 17.42
C LYS A 260 1.46 3.03 16.80
N GLU A 261 2.09 3.78 15.90
CA GLU A 261 1.46 4.89 15.20
C GLU A 261 0.39 4.43 14.22
N VAL A 262 0.39 3.14 13.85
CA VAL A 262 -0.43 2.66 12.75
C VAL A 262 -1.96 2.65 13.12
N PHE A 263 -2.31 2.05 14.26
CA PHE A 263 -3.73 1.96 14.66
C PHE A 263 -4.41 3.35 14.84
N PRO A 264 -3.84 4.26 15.63
CA PRO A 264 -4.34 5.63 15.69
C PRO A 264 -4.42 6.40 14.37
N VAL A 265 -3.45 6.23 13.47
CA VAL A 265 -3.54 6.88 12.15
C VAL A 265 -4.71 6.35 11.33
N LEU A 266 -4.94 5.05 11.35
CA LEU A 266 -6.07 4.46 10.64
C LEU A 266 -7.45 4.84 11.26
N ALA A 267 -7.56 4.82 12.60
CA ALA A 267 -8.73 5.33 13.33
C ALA A 267 -9.03 6.78 12.90
N ALA A 268 -8.03 7.65 12.93
CA ALA A 268 -8.21 9.05 12.57
C ALA A 268 -8.63 9.21 11.12
N LYS A 269 -7.96 8.54 10.19
CA LYS A 269 -8.41 8.64 8.81
C LYS A 269 -9.74 7.98 8.48
N HIS A 270 -10.14 6.93 9.16
CA HIS A 270 -11.51 6.49 9.01
C HIS A 270 -12.50 7.68 9.34
N CYS A 271 -12.28 8.42 10.44
CA CYS A 271 -13.18 9.54 10.75
C CYS A 271 -13.05 10.72 9.80
N ILE A 272 -11.82 11.02 9.35
CA ILE A 272 -11.55 12.14 8.50
C ILE A 272 -12.18 11.89 7.16
N MET A 273 -12.14 10.66 6.69
CA MET A 273 -12.72 10.35 5.44
C MET A 273 -14.25 10.41 5.50
N GLN A 274 -14.81 10.00 6.63
CA GLN A 274 -16.28 10.08 6.83
C GLN A 274 -16.74 11.52 6.82
N ALA A 275 -15.96 12.39 7.46
CA ALA A 275 -16.22 13.81 7.55
C ALA A 275 -16.11 14.50 6.17
N ASN A 276 -15.16 14.05 5.35
CA ASN A 276 -15.03 14.54 3.97
C ASN A 276 -16.20 14.11 3.15
N ALA A 277 -16.61 12.86 3.27
CA ALA A 277 -17.81 12.41 2.61
C ALA A 277 -19.01 13.34 2.96
N GLU A 278 -19.18 13.65 4.26
CA GLU A 278 -20.34 14.42 4.75
C GLU A 278 -20.21 15.89 4.34
N TYR A 279 -19.01 16.42 4.40
CA TYR A 279 -18.72 17.78 4.00
C TYR A 279 -19.03 18.04 2.52
N HIS A 280 -18.55 17.16 1.62
CA HIS A 280 -18.88 17.26 0.21
C HIS A 280 -20.33 16.94 -0.14
N GLN A 281 -20.93 16.01 0.57
CA GLN A 281 -22.35 15.72 0.32
C GLN A 281 -23.22 16.88 0.82
N SER A 282 -22.74 17.61 1.84
CA SER A 282 -23.39 18.80 2.27
C SER A 282 -23.35 19.96 1.24
N ILE A 283 -22.29 20.06 0.43
CA ILE A 283 -22.23 21.07 -0.66
C ILE A 283 -23.25 20.77 -1.74
N LEU A 284 -23.42 19.49 -2.04
CA LEU A 284 -24.47 18.99 -2.91
C LEU A 284 -25.89 19.31 -2.40
N ALA A 285 -26.14 19.13 -1.10
CA ALA A 285 -27.41 19.45 -0.50
C ALA A 285 -27.74 20.92 -0.71
N LYS A 286 -26.82 21.80 -0.37
CA LYS A 286 -26.97 23.23 -0.44
C LYS A 286 -27.28 23.61 -1.89
N GLN A 287 -26.48 23.11 -2.83
CA GLN A 287 -26.71 23.28 -4.28
C GLN A 287 -28.11 22.92 -4.70
N GLN A 288 -28.65 21.90 -4.06
CA GLN A 288 -30.00 21.49 -4.36
C GLN A 288 -31.07 22.16 -3.46
N LYS A 289 -30.66 23.14 -2.62
CA LYS A 289 -31.52 23.92 -1.72
C LYS A 289 -32.13 23.08 -0.56
N LYS A 290 -31.43 22.03 -0.14
CA LYS A 290 -31.90 21.15 0.91
C LYS A 290 -31.10 21.60 2.11
N PHE A 291 -31.55 22.67 2.72
CA PHE A 291 -30.71 23.43 3.64
C PHE A 291 -30.65 22.81 5.01
N GLY A 292 -31.70 22.09 5.38
CA GLY A 292 -31.75 21.33 6.58
C GLY A 292 -30.80 20.14 6.49
N GLU A 293 -30.86 19.37 5.39
CA GLU A 293 -29.85 18.29 5.14
C GLU A 293 -28.42 18.79 5.12
N GLU A 294 -28.19 19.99 4.58
CA GLU A 294 -26.86 20.58 4.63
C GLU A 294 -26.37 20.66 6.06
N ILE A 295 -27.23 21.15 6.95
CA ILE A 295 -26.84 21.46 8.31
C ILE A 295 -26.56 20.14 9.05
N ALA A 296 -27.44 19.15 8.85
CA ALA A 296 -27.38 17.82 9.45
C ALA A 296 -26.08 17.08 9.07
N ARG A 297 -25.75 17.07 7.77
CA ARG A 297 -24.45 16.55 7.31
C ARG A 297 -23.25 17.28 7.86
N LEU A 298 -23.26 18.59 7.89
CA LEU A 298 -22.17 19.37 8.48
C LEU A 298 -21.99 19.20 10.01
N GLN A 299 -23.09 18.94 10.71
CA GLN A 299 -23.04 18.69 12.15
C GLN A 299 -22.35 17.38 12.38
N HIS A 300 -22.69 16.36 11.61
CA HIS A 300 -21.97 15.09 11.60
C HIS A 300 -20.46 15.19 11.32
N ALA A 301 -20.12 15.84 10.22
CA ALA A 301 -18.75 16.14 9.91
C ALA A 301 -17.99 16.85 11.06
N ALA A 302 -18.60 17.86 11.71
CA ALA A 302 -17.94 18.59 12.80
C ALA A 302 -17.75 17.71 14.05
N GLU A 303 -18.68 16.79 14.24
CA GLU A 303 -18.64 15.93 15.40
C GLU A 303 -17.48 14.92 15.25
N LEU A 304 -17.39 14.33 14.05
CA LEU A 304 -16.31 13.42 13.63
C LEU A 304 -14.95 14.04 13.79
N ILE A 305 -14.77 15.25 13.24
CA ILE A 305 -13.53 16.06 13.30
C ILE A 305 -13.16 16.56 14.70
N LYS A 306 -14.17 16.85 15.51
CA LYS A 306 -13.95 17.17 16.92
C LYS A 306 -13.43 15.95 17.69
N THR A 307 -13.95 14.76 17.36
CA THR A 307 -13.45 13.53 17.99
C THR A 307 -12.00 13.22 17.61
N VAL A 308 -11.65 13.50 16.35
CA VAL A 308 -10.31 13.28 15.86
C VAL A 308 -9.36 14.30 16.48
N ALA A 309 -9.79 15.56 16.51
CA ALA A 309 -9.01 16.62 17.12
C ALA A 309 -8.70 16.33 18.59
N SER A 310 -9.62 15.76 19.33
CA SER A 310 -9.36 15.55 20.76
C SER A 310 -8.69 14.19 21.12
N ARG A 311 -8.97 13.16 20.32
CA ARG A 311 -8.43 11.79 20.49
C ARG A 311 -7.12 11.51 19.76
N TYR A 312 -6.92 12.08 18.57
CA TYR A 312 -5.77 11.71 17.69
C TYR A 312 -4.80 12.85 17.29
N ASP A 313 -4.74 13.93 18.08
CA ASP A 313 -4.01 15.16 17.66
C ASP A 313 -2.49 15.07 17.60
N GLU A 314 -1.89 14.10 18.28
CA GLU A 314 -0.47 13.88 18.10
C GLU A 314 -0.13 13.14 16.79
N TYR A 315 -1.16 12.83 15.97
CA TYR A 315 -1.01 12.10 14.71
C TYR A 315 -1.50 12.88 13.49
N VAL A 316 -2.51 13.74 13.65
CA VAL A 316 -3.04 14.58 12.51
C VAL A 316 -3.39 16.03 12.90
N ASN A 317 -3.33 16.94 11.94
CA ASN A 317 -3.73 18.33 12.14
C ASN A 317 -4.96 18.64 11.30
N VAL A 318 -6.06 18.88 12.00
CA VAL A 318 -7.38 18.83 11.41
C VAL A 318 -7.99 20.24 11.49
N LYS A 319 -7.12 21.20 11.87
CA LYS A 319 -7.49 22.59 12.18
C LYS A 319 -8.19 23.33 11.05
N ASP A 320 -7.57 23.43 9.87
CA ASP A 320 -8.19 24.12 8.71
C ASP A 320 -9.53 23.53 8.24
N PHE A 321 -9.65 22.21 8.37
CA PHE A 321 -10.87 21.51 8.04
C PHE A 321 -11.97 21.76 9.07
N SER A 322 -11.57 21.79 10.34
CA SER A 322 -12.50 22.06 11.39
C SER A 322 -13.09 23.49 11.22
N ASP A 323 -12.22 24.47 11.04
CA ASP A 323 -12.59 25.85 10.73
C ASP A 323 -13.46 25.94 9.50
N LYS A 324 -13.12 25.22 8.45
CA LYS A 324 -13.86 25.28 7.20
C LYS A 324 -15.29 24.75 7.36
N ILE A 325 -15.44 23.64 8.09
CA ILE A 325 -16.76 23.08 8.43
C ILE A 325 -17.53 24.08 9.29
N ASN A 326 -16.91 24.52 10.37
CA ASN A 326 -17.50 25.44 11.32
C ASN A 326 -17.94 26.79 10.79
N ARG A 327 -17.32 27.17 9.69
CA ARG A 327 -17.64 28.35 8.92
C ARG A 327 -18.88 28.05 8.09
N ALA A 328 -19.00 26.83 7.57
CA ALA A 328 -20.10 26.54 6.66
C ALA A 328 -21.37 26.29 7.45
N LEU A 329 -21.18 25.71 8.63
CA LEU A 329 -22.25 25.34 9.54
C LEU A 329 -22.91 26.59 10.14
N ALA A 330 -22.08 27.50 10.68
CA ALA A 330 -22.47 28.82 11.17
C ALA A 330 -23.28 29.63 10.14
N ALA A 331 -22.75 29.77 8.92
CA ALA A 331 -23.47 30.42 7.84
C ALA A 331 -24.80 29.73 7.53
N ALA A 332 -24.79 28.41 7.43
CA ALA A 332 -25.98 27.63 7.09
C ALA A 332 -27.08 27.77 8.15
N LYS A 333 -26.65 27.81 9.39
CA LYS A 333 -27.59 27.92 10.51
C LYS A 333 -28.24 29.30 10.60
N LYS A 334 -27.45 30.35 10.41
CA LYS A 334 -27.93 31.72 10.46
C LYS A 334 -29.02 31.92 9.46
N ASP A 335 -28.80 31.40 8.26
CA ASP A 335 -29.72 31.68 7.19
C ASP A 335 -30.93 30.81 7.22
N ASN A 336 -30.80 29.58 7.72
CA ASN A 336 -31.95 28.70 7.92
C ASN A 336 -32.90 29.20 9.06
N ASP A 337 -32.29 29.75 10.10
CA ASP A 337 -33.02 30.26 11.26
C ASP A 337 -33.71 31.56 10.84
N PHE A 338 -33.00 32.36 10.03
CA PHE A 338 -33.53 33.62 9.59
C PHE A 338 -34.48 33.59 8.36
N ILE A 339 -34.31 32.63 7.45
CA ILE A 339 -34.95 32.75 6.15
C ILE A 339 -35.75 31.55 5.78
N TYR A 340 -35.10 30.37 5.80
CA TYR A 340 -35.71 29.22 5.11
C TYR A 340 -36.55 28.38 6.04
N HIS A 341 -36.12 28.28 7.29
CA HIS A 341 -36.77 27.45 8.34
C HIS A 341 -36.99 25.98 7.97
N ASP A 342 -36.08 25.42 7.19
CA ASP A 342 -36.07 23.98 6.95
C ASP A 342 -35.82 23.27 8.27
N ARG A 343 -36.48 22.14 8.38
CA ARG A 343 -36.31 21.21 9.48
C ARG A 343 -34.98 20.48 9.25
N VAL A 344 -34.09 20.54 10.23
CA VAL A 344 -32.86 19.73 10.22
C VAL A 344 -33.22 18.27 10.51
N PRO A 345 -33.09 17.42 9.49
CA PRO A 345 -33.40 16.02 9.65
C PRO A 345 -32.43 15.28 10.59
N ASP A 346 -32.85 14.10 11.02
CA ASP A 346 -31.97 13.22 11.79
C ASP A 346 -31.12 12.41 10.83
N LEU A 347 -29.87 12.16 11.20
CA LEU A 347 -28.93 11.40 10.34
C LEU A 347 -29.52 10.11 9.81
N LYS A 348 -30.18 9.34 10.66
CA LYS A 348 -30.76 8.06 10.20
C LYS A 348 -31.85 8.23 9.17
N ASP A 349 -32.31 9.46 8.98
CA ASP A 349 -33.32 9.69 7.95
C ASP A 349 -32.78 10.20 6.63
N LEU A 350 -31.49 10.56 6.60
CA LEU A 350 -30.78 10.88 5.33
C LEU A 350 -30.43 9.65 4.46
N ASP A 351 -30.40 9.80 3.13
CA ASP A 351 -29.95 8.72 2.25
C ASP A 351 -28.46 8.46 2.49
N PRO A 352 -28.01 7.19 2.38
CA PRO A 352 -26.56 6.90 2.47
C PRO A 352 -25.81 7.61 1.34
N ILE A 353 -24.58 8.10 1.62
CA ILE A 353 -23.69 8.58 0.55
C ILE A 353 -23.30 7.35 -0.24
N GLY A 354 -23.14 7.49 -1.55
CA GLY A 354 -22.63 6.36 -2.34
C GLY A 354 -21.15 6.01 -2.06
N LYS A 355 -20.67 4.96 -2.75
CA LYS A 355 -19.29 4.54 -2.69
C LYS A 355 -18.67 4.37 -4.07
N ALA A 356 -17.57 5.07 -4.35
CA ALA A 356 -16.88 4.87 -5.65
C ALA A 356 -15.42 4.45 -5.47
N THR A 357 -15.12 3.20 -5.82
CA THR A 357 -13.77 2.64 -5.74
C THR A 357 -13.07 2.73 -7.10
N LEU A 358 -11.86 3.28 -7.08
CA LEU A 358 -11.11 3.59 -8.29
C LEU A 358 -9.73 2.90 -8.31
N VAL A 359 -9.62 1.83 -7.53
CA VAL A 359 -8.36 1.36 -6.99
C VAL A 359 -8.40 -0.18 -6.88
N LYS A 360 -7.33 -0.85 -7.31
CA LYS A 360 -7.21 -2.32 -7.20
C LYS A 360 -5.84 -2.71 -6.67
N SER A 361 -5.75 -3.84 -5.98
CA SER A 361 -4.50 -4.52 -5.70
C SER A 361 -3.88 -4.98 -7.04
N THR A 362 -2.70 -4.49 -7.38
CA THR A 362 -2.06 -4.87 -8.62
C THR A 362 -1.54 -6.31 -8.51
N PRO A 363 -2.00 -7.22 -9.40
CA PRO A 363 -1.57 -8.62 -9.35
C PRO A 363 -0.09 -8.70 -9.63
N VAL A 364 0.58 -9.67 -9.02
CA VAL A 364 1.97 -9.91 -9.31
C VAL A 364 2.02 -10.92 -10.47
N ASN A 365 2.43 -10.44 -11.65
CA ASN A 365 2.68 -11.28 -12.85
C ASN A 365 4.09 -11.05 -13.39
N VAL A 366 5.04 -11.92 -13.01
CA VAL A 366 6.42 -11.84 -13.52
C VAL A 366 6.46 -11.87 -15.09
N PRO A 367 7.19 -10.91 -15.69
CA PRO A 367 8.08 -10.01 -14.97
C PRO A 367 7.40 -8.73 -14.39
N ILE A 368 7.81 -8.34 -13.18
CA ILE A 368 7.33 -7.08 -12.58
C ILE A 368 8.29 -5.92 -12.83
N SER A 369 9.56 -6.23 -13.13
CA SER A 369 10.55 -5.20 -13.48
C SER A 369 10.49 -4.75 -14.93
N GLN A 370 11.00 -3.53 -15.14
CA GLN A 370 11.00 -2.91 -16.46
C GLN A 370 12.08 -3.51 -17.35
N LYS A 371 11.65 -4.00 -18.51
CA LYS A 371 12.53 -4.53 -19.56
C LYS A 371 13.41 -5.65 -18.97
N PHE A 372 12.74 -6.69 -18.50
CA PHE A 372 13.38 -7.84 -17.88
C PHE A 372 13.95 -8.79 -18.93
N THR A 373 15.17 -9.25 -18.68
CA THR A 373 15.71 -10.41 -19.39
C THR A 373 16.25 -11.46 -18.40
N ASP A 374 15.80 -12.70 -18.58
CA ASP A 374 16.20 -13.80 -17.70
C ASP A 374 17.67 -14.14 -17.96
N LEU A 375 18.50 -14.13 -16.92
CA LEU A 375 19.95 -14.40 -17.08
C LEU A 375 20.26 -15.84 -17.50
N PHE A 376 19.29 -16.74 -17.31
CA PHE A 376 19.45 -18.16 -17.56
C PHE A 376 18.36 -18.59 -18.51
N GLU A 377 18.11 -17.77 -19.54
CA GLU A 377 16.94 -17.94 -20.41
C GLU A 377 16.98 -19.23 -21.28
N LYS A 378 18.19 -19.66 -21.63
CA LYS A 378 18.39 -20.86 -22.48
C LYS A 378 18.63 -22.15 -21.66
N MET A 379 18.12 -22.21 -20.43
CA MET A 379 18.38 -23.34 -19.53
C MET A 379 17.17 -24.29 -19.35
N LYS B 1 -25.45 15.23 -13.72
CA LYS B 1 -24.97 13.87 -14.11
C LYS B 1 -24.17 13.90 -15.41
N GLU B 2 -24.22 15.05 -16.11
CA GLU B 2 -23.39 15.24 -17.31
C GLU B 2 -21.94 15.65 -16.98
N GLU B 3 -21.64 15.88 -15.69
CA GLU B 3 -20.25 16.05 -15.20
C GLU B 3 -19.77 14.88 -14.33
N GLU B 4 -20.69 14.09 -13.79
CA GLU B 4 -20.37 12.81 -13.12
C GLU B 4 -19.99 11.71 -14.11
N ASP B 5 -20.25 11.98 -15.39
CA ASP B 5 -19.60 11.31 -16.52
C ASP B 5 -18.21 11.90 -16.61
N ASP B 6 -18.16 13.21 -16.84
CA ASP B 6 -16.93 13.97 -17.13
C ASP B 6 -15.87 13.94 -16.03
N ASP B 7 -16.29 13.56 -14.83
CA ASP B 7 -15.38 13.50 -13.71
C ASP B 7 -14.98 12.05 -13.41
N MET B 8 -15.95 11.15 -13.27
CA MET B 8 -15.66 9.73 -13.06
C MET B 8 -14.79 9.15 -14.18
N LYS B 9 -15.09 9.53 -15.44
CA LYS B 9 -14.38 9.03 -16.63
C LYS B 9 -12.90 9.41 -16.64
N GLU B 10 -12.64 10.70 -16.42
CA GLU B 10 -11.29 11.26 -16.37
C GLU B 10 -10.42 10.78 -15.18
N LEU B 11 -10.98 9.98 -14.27
CA LEU B 11 -10.18 9.33 -13.20
C LEU B 11 -9.98 7.86 -13.55
N GLU B 12 -10.94 7.29 -14.26
CA GLU B 12 -10.82 5.96 -14.85
C GLU B 12 -9.78 5.94 -16.02
N ASN B 13 -9.49 7.12 -16.58
CA ASN B 13 -8.43 7.32 -17.56
C ASN B 13 -7.08 7.58 -16.90
N TRP B 14 -7.07 8.44 -15.88
CA TRP B 14 -5.90 8.63 -15.03
C TRP B 14 -5.43 7.26 -14.49
N ALA B 15 -6.41 6.44 -14.06
CA ALA B 15 -6.18 5.08 -13.55
C ALA B 15 -5.48 4.16 -14.54
N GLY B 16 -6.05 4.01 -15.73
CA GLY B 16 -5.49 3.17 -16.78
C GLY B 16 -4.15 3.62 -17.37
N SER B 17 -3.82 4.91 -17.20
CA SER B 17 -2.55 5.48 -17.66
C SER B 17 -1.43 5.28 -16.62
N MET B 18 -1.59 4.26 -15.78
CA MET B 18 -0.57 3.85 -14.80
C MET B 18 0.05 2.50 -15.21
#